data_3GUZ
#
_entry.id   3GUZ
#
_cell.length_a   61.890
_cell.length_b   77.500
_cell.length_c   78.850
_cell.angle_alpha   90.00
_cell.angle_beta   90.00
_cell.angle_gamma   90.00
#
_symmetry.space_group_name_H-M   'P 21 21 2'
#
loop_
_entity.id
_entity.type
_entity.pdbx_description
1 polymer 'Pantothenate synthetase'
2 non-polymer PANTOATE
3 water water
#
_entity_poly.entity_id   1
_entity_poly.type   'polypeptide(L)'
_entity_poly.pdbx_seq_one_letter_code
;MLIIETLPLLRQQIRRLRMEGKRVALVPTMGNLHDGHMKLVDEAKARADVVAVSIFVNPMQFDRPEDLARYPRTLQEDCE
KLNKRKVDLVFAPSVKEIYPNGTETHTYVDVPGLSTMLEGASRPGHFRGVSTIVSKLFNLVQPDIACFGEKDFQQLALIR
KMVADMGFDIEIVGVP
;
_entity_poly.pdbx_strand_id   A,B
#
loop_
_chem_comp.id
_chem_comp.type
_chem_comp.name
_chem_comp.formula
PAF non-polymer PANTOATE 'C6 H11 O4 -1'
#
# COMPACT_ATOMS: atom_id res chain seq x y z
N MET A 1 -27.40 3.23 -2.01
CA MET A 1 -25.99 3.52 -2.32
C MET A 1 -25.49 4.59 -1.38
N LEU A 2 -24.22 4.51 -0.94
CA LEU A 2 -23.61 5.47 -0.04
C LEU A 2 -22.63 6.30 -0.87
N ILE A 3 -22.66 7.63 -0.72
CA ILE A 3 -21.67 8.49 -1.36
C ILE A 3 -20.80 9.07 -0.27
N ILE A 4 -19.50 8.85 -0.37
CA ILE A 4 -18.53 9.26 0.65
C ILE A 4 -17.53 10.23 0.06
N GLU A 5 -17.33 11.42 0.70
CA GLU A 5 -16.40 12.37 0.10
C GLU A 5 -15.15 12.57 0.92
N THR A 6 -15.14 12.09 2.17
CA THR A 6 -13.97 12.35 3.04
C THR A 6 -13.20 11.07 3.42
N LEU A 7 -11.94 11.24 3.79
CA LEU A 7 -11.12 10.03 4.18
C LEU A 7 -11.63 9.43 5.49
N PRO A 8 -11.94 10.23 6.53
CA PRO A 8 -12.38 9.57 7.74
C PRO A 8 -13.65 8.77 7.53
N LEU A 9 -14.58 9.33 6.77
CA LEU A 9 -15.83 8.55 6.57
C LEU A 9 -15.54 7.31 5.72
N LEU A 10 -14.63 7.40 4.73
CA LEU A 10 -14.33 6.21 3.90
C LEU A 10 -13.71 5.16 4.85
N ARG A 11 -12.72 5.59 5.63
CA ARG A 11 -12.06 4.65 6.57
C ARG A 11 -13.09 3.92 7.48
N GLN A 12 -14.03 4.65 8.06
CA GLN A 12 -15.12 4.07 8.84
C GLN A 12 -15.91 2.99 8.07
N GLN A 13 -16.23 3.23 6.81
CA GLN A 13 -16.99 2.24 6.09
C GLN A 13 -16.09 1.08 5.73
N ILE A 14 -14.84 1.34 5.33
CA ILE A 14 -13.96 0.21 5.02
C ILE A 14 -13.84 -0.70 6.20
N ARG A 15 -13.62 -0.12 7.36
CA ARG A 15 -13.61 -0.92 8.59
C ARG A 15 -14.88 -1.73 8.88
N ARG A 16 -16.02 -1.10 8.65
CA ARG A 16 -17.32 -1.77 8.82
C ARG A 16 -17.45 -2.95 7.86
N LEU A 17 -17.09 -2.75 6.59
CA LEU A 17 -17.17 -3.85 5.62
C LEU A 17 -16.26 -5.01 5.99
N ARG A 18 -15.04 -4.68 6.45
CA ARG A 18 -14.08 -5.67 6.94
C ARG A 18 -14.67 -6.45 8.12
N MET A 19 -15.24 -5.77 9.08
CA MET A 19 -15.82 -6.49 10.20
C MET A 19 -17.03 -7.37 9.82
N GLU A 20 -17.74 -6.98 8.76
CA GLU A 20 -18.83 -7.78 8.21
C GLU A 20 -18.37 -8.89 7.30
N GLY A 21 -17.07 -9.03 7.06
CA GLY A 21 -16.61 -10.14 6.23
C GLY A 21 -16.84 -9.93 4.74
N LYS A 22 -17.09 -8.71 4.27
CA LYS A 22 -17.41 -8.45 2.82
C LYS A 22 -16.19 -8.56 1.95
N ARG A 23 -16.32 -9.30 0.85
CA ARG A 23 -15.36 -9.23 -0.26
C ARG A 23 -15.70 -7.99 -1.06
N VAL A 24 -14.70 -7.13 -1.28
CA VAL A 24 -14.85 -5.82 -1.86
C VAL A 24 -14.11 -5.65 -3.15
N ALA A 25 -14.82 -5.17 -4.17
CA ALA A 25 -14.16 -4.83 -5.44
C ALA A 25 -14.14 -3.31 -5.59
N LEU A 26 -13.05 -2.77 -6.13
CA LEU A 26 -12.93 -1.34 -6.39
C LEU A 26 -12.84 -1.12 -7.88
N VAL A 27 -13.58 -0.14 -8.38
CA VAL A 27 -13.48 0.28 -9.79
C VAL A 27 -12.98 1.73 -9.73
N PRO A 28 -11.71 1.97 -10.01
CA PRO A 28 -11.29 3.34 -10.12
C PRO A 28 -11.77 4.05 -11.40
N THR A 29 -12.28 5.29 -11.26
CA THR A 29 -12.69 6.04 -12.45
C THR A 29 -12.36 7.53 -12.24
N MET A 30 -12.38 8.28 -13.32
CA MET A 30 -12.32 9.76 -13.20
C MET A 30 -13.68 10.39 -13.52
N GLY A 31 -14.77 9.65 -13.25
CA GLY A 31 -16.07 10.16 -13.51
C GLY A 31 -16.39 10.32 -14.99
N ASN A 32 -17.39 11.17 -15.30
CA ASN A 32 -17.90 11.21 -16.72
C ASN A 32 -18.17 9.83 -17.27
N LEU A 33 -18.98 9.09 -16.53
CA LEU A 33 -19.21 7.68 -16.80
C LEU A 33 -20.14 7.44 -17.92
N HIS A 34 -19.81 6.44 -18.76
CA HIS A 34 -20.63 6.03 -19.88
C HIS A 34 -20.97 4.57 -19.72
N ASP A 35 -21.84 4.10 -20.61
CA ASP A 35 -22.18 2.68 -20.58
C ASP A 35 -20.96 1.80 -20.59
N GLY A 36 -19.89 2.21 -21.26
CA GLY A 36 -18.68 1.39 -21.28
C GLY A 36 -18.14 1.17 -19.88
N HIS A 37 -18.21 2.16 -18.97
CA HIS A 37 -17.64 1.97 -17.61
C HIS A 37 -18.47 0.91 -16.86
N MET A 38 -19.71 0.69 -17.29
CA MET A 38 -20.47 -0.37 -16.62
C MET A 38 -19.93 -1.74 -16.84
N LYS A 39 -19.13 -1.92 -17.87
CA LYS A 39 -18.48 -3.25 -17.99
C LYS A 39 -17.64 -3.51 -16.76
N LEU A 40 -16.96 -2.47 -16.24
CA LEU A 40 -16.14 -2.63 -15.03
C LEU A 40 -17.03 -2.90 -13.83
N VAL A 41 -18.11 -2.14 -13.66
CA VAL A 41 -19.01 -2.36 -12.54
C VAL A 41 -19.64 -3.77 -12.54
N ASP A 42 -20.04 -4.23 -13.73
CA ASP A 42 -20.72 -5.51 -13.82
C ASP A 42 -19.76 -6.66 -13.50
N GLU A 43 -18.50 -6.47 -13.88
CA GLU A 43 -17.50 -7.51 -13.62
C GLU A 43 -17.26 -7.51 -12.10
N ALA A 44 -17.16 -6.32 -11.54
CA ALA A 44 -16.90 -6.20 -10.10
C ALA A 44 -18.04 -6.83 -9.28
N LYS A 45 -19.29 -6.59 -9.67
CA LYS A 45 -20.46 -7.16 -8.92
C LYS A 45 -20.47 -8.69 -8.94
N ALA A 46 -20.07 -9.26 -10.07
CA ALA A 46 -20.03 -10.70 -10.13
C ALA A 46 -18.90 -11.24 -9.22
N ARG A 47 -17.85 -10.45 -9.06
CA ARG A 47 -16.65 -10.91 -8.39
C ARG A 47 -16.52 -10.45 -6.94
N ALA A 48 -17.56 -9.86 -6.37
CA ALA A 48 -17.45 -9.47 -4.97
C ALA A 48 -18.79 -9.28 -4.34
N ASP A 49 -18.76 -9.17 -3.02
CA ASP A 49 -20.01 -8.89 -2.31
C ASP A 49 -20.40 -7.41 -2.49
N VAL A 50 -19.37 -6.54 -2.45
CA VAL A 50 -19.63 -5.09 -2.40
C VAL A 50 -18.77 -4.45 -3.44
N VAL A 51 -19.35 -3.49 -4.16
CA VAL A 51 -18.62 -2.73 -5.19
C VAL A 51 -18.50 -1.27 -4.78
N ALA A 52 -17.26 -0.79 -4.76
CA ALA A 52 -16.93 0.65 -4.44
C ALA A 52 -16.44 1.22 -5.74
N VAL A 53 -16.91 2.39 -6.14
CA VAL A 53 -16.40 3.01 -7.34
C VAL A 53 -15.77 4.28 -6.89
N SER A 54 -14.51 4.53 -7.26
CA SER A 54 -13.97 5.89 -6.92
C SER A 54 -14.20 6.80 -8.14
N ILE A 55 -14.47 8.05 -7.85
CA ILE A 55 -14.56 9.09 -8.92
C ILE A 55 -13.61 10.18 -8.50
N PHE A 56 -12.52 10.33 -9.25
CA PHE A 56 -11.55 11.37 -8.86
C PHE A 56 -10.78 11.74 -10.09
N VAL A 57 -10.89 12.99 -10.52
CA VAL A 57 -10.12 13.46 -11.66
C VAL A 57 -8.78 13.84 -11.14
N ASN A 58 -7.78 13.04 -11.48
CA ASN A 58 -6.47 13.06 -10.80
C ASN A 58 -5.51 14.05 -11.43
N PRO A 59 -5.24 15.19 -10.77
CA PRO A 59 -4.36 16.16 -11.44
C PRO A 59 -2.98 15.63 -11.81
N MET A 60 -2.43 14.72 -10.98
CA MET A 60 -1.04 14.26 -11.24
C MET A 60 -0.86 13.55 -12.61
N GLN A 61 -1.96 13.09 -13.21
CA GLN A 61 -1.76 12.35 -14.46
C GLN A 61 -2.11 13.14 -15.71
N PHE A 62 -2.36 14.45 -15.56
CA PHE A 62 -2.62 15.28 -16.75
C PHE A 62 -1.38 16.07 -17.06
N ASP A 63 -0.96 16.06 -18.32
CA ASP A 63 0.20 16.84 -18.70
C ASP A 63 -0.13 18.34 -18.76
N ARG A 64 -1.34 18.72 -19.19
CA ARG A 64 -1.67 20.12 -19.36
C ARG A 64 -2.78 20.50 -18.42
N PRO A 65 -2.59 21.60 -17.68
CA PRO A 65 -3.71 22.08 -16.85
C PRO A 65 -5.02 22.33 -17.63
N GLU A 66 -4.89 22.71 -18.89
CA GLU A 66 -6.07 22.95 -19.73
C GLU A 66 -6.90 21.74 -19.84
N ASP A 67 -6.21 20.60 -19.99
CA ASP A 67 -6.92 19.33 -20.10
C ASP A 67 -7.55 18.90 -18.80
N LEU A 68 -6.84 19.10 -17.69
CA LEU A 68 -7.44 18.80 -16.38
C LEU A 68 -8.71 19.65 -16.18
N ALA A 69 -8.60 20.97 -16.53
CA ALA A 69 -9.75 21.87 -16.29
C ALA A 69 -10.97 21.50 -17.13
N ARG A 70 -10.74 20.91 -18.29
CA ARG A 70 -11.83 20.64 -19.23
C ARG A 70 -12.36 19.21 -19.14
N TYR A 71 -11.81 18.42 -18.25
CA TYR A 71 -12.24 17.04 -18.17
C TYR A 71 -13.64 17.10 -17.62
N PRO A 72 -14.61 16.42 -18.28
CA PRO A 72 -15.99 16.62 -17.79
C PRO A 72 -16.21 16.20 -16.41
N ARG A 73 -16.92 17.07 -15.65
CA ARG A 73 -17.33 16.66 -14.34
C ARG A 73 -18.87 16.59 -14.22
N THR A 74 -19.33 15.37 -14.00
CA THR A 74 -20.76 15.10 -13.95
C THR A 74 -21.05 14.15 -12.80
N LEU A 75 -20.81 14.61 -11.60
CA LEU A 75 -20.99 13.78 -10.44
C LEU A 75 -22.42 13.27 -10.17
N GLN A 76 -23.37 14.17 -10.26
CA GLN A 76 -24.76 13.77 -10.00
C GLN A 76 -25.12 12.68 -11.02
N GLU A 77 -24.84 12.89 -12.29
CA GLU A 77 -25.11 11.88 -13.29
C GLU A 77 -24.33 10.58 -13.15
N ASP A 78 -23.03 10.66 -12.86
CA ASP A 78 -22.31 9.42 -12.59
C ASP A 78 -22.98 8.65 -11.47
N CYS A 79 -23.34 9.33 -10.38
CA CYS A 79 -23.89 8.60 -9.25
C CYS A 79 -25.23 8.00 -9.62
N GLU A 80 -26.07 8.76 -10.35
CA GLU A 80 -27.30 8.15 -10.87
C GLU A 80 -27.07 6.85 -11.60
N LYS A 81 -26.11 6.83 -12.51
CA LYS A 81 -25.84 5.63 -13.32
C LYS A 81 -25.33 4.50 -12.44
N LEU A 82 -24.47 4.82 -11.48
CA LEU A 82 -23.96 3.79 -10.56
C LEU A 82 -25.04 3.24 -9.65
N ASN A 83 -25.90 4.11 -9.16
CA ASN A 83 -26.97 3.64 -8.30
C ASN A 83 -27.88 2.71 -9.06
N LYS A 84 -28.16 3.04 -10.34
CA LYS A 84 -29.01 2.13 -11.13
C LYS A 84 -28.34 0.81 -11.36
N ARG A 85 -27.01 0.77 -11.40
CA ARG A 85 -26.23 -0.45 -11.64
C ARG A 85 -25.95 -1.20 -10.31
N LYS A 86 -26.61 -0.75 -9.26
CA LYS A 86 -26.56 -1.44 -7.95
C LYS A 86 -25.19 -1.33 -7.28
N VAL A 87 -24.47 -0.25 -7.55
CA VAL A 87 -23.19 -0.05 -6.85
C VAL A 87 -23.42 0.27 -5.35
N ASP A 88 -22.53 -0.18 -4.51
CA ASP A 88 -22.75 -0.03 -3.02
C ASP A 88 -22.24 1.31 -2.50
N LEU A 89 -21.06 1.72 -3.02
CA LEU A 89 -20.40 2.86 -2.45
C LEU A 89 -19.65 3.58 -3.49
N VAL A 90 -19.79 4.91 -3.47
CA VAL A 90 -19.03 5.79 -4.32
C VAL A 90 -18.13 6.64 -3.43
N PHE A 91 -16.84 6.68 -3.84
CA PHE A 91 -15.85 7.51 -3.14
C PHE A 91 -15.44 8.64 -4.08
N ALA A 92 -15.73 9.86 -3.64
CA ALA A 92 -15.60 11.06 -4.49
C ALA A 92 -14.89 12.13 -3.72
N PRO A 93 -13.55 12.02 -3.62
CA PRO A 93 -12.79 12.99 -2.77
C PRO A 93 -12.46 14.27 -3.48
N SER A 94 -12.13 15.27 -2.70
CA SER A 94 -11.59 16.52 -3.24
C SER A 94 -10.11 16.38 -3.52
N VAL A 95 -9.61 17.31 -4.34
CA VAL A 95 -8.20 17.31 -4.69
C VAL A 95 -7.35 17.45 -3.41
N LYS A 96 -7.71 18.37 -2.53
CA LYS A 96 -6.87 18.59 -1.37
C LYS A 96 -6.94 17.40 -0.42
N GLU A 97 -8.05 16.65 -0.44
CA GLU A 97 -8.09 15.51 0.45
C GLU A 97 -7.10 14.47 -0.02
N ILE A 98 -6.89 14.38 -1.33
CA ILE A 98 -5.95 13.42 -1.86
C ILE A 98 -4.51 13.95 -1.81
N TYR A 99 -4.32 15.23 -2.12
CA TYR A 99 -3.00 15.82 -2.22
C TYR A 99 -2.97 17.08 -1.35
N PRO A 100 -2.80 16.88 -0.04
CA PRO A 100 -2.97 17.97 0.91
C PRO A 100 -2.04 19.15 0.65
N ASN A 101 -0.86 18.88 0.14
CA ASN A 101 0.13 19.92 -0.06
C ASN A 101 0.40 20.13 -1.52
N GLY A 102 -0.51 19.63 -2.34
CA GLY A 102 -0.34 19.73 -3.79
C GLY A 102 0.42 18.53 -4.33
N THR A 103 0.40 18.37 -5.64
CA THR A 103 1.05 17.19 -6.21
C THR A 103 2.58 17.27 -6.32
N GLU A 104 3.16 18.49 -6.40
CA GLU A 104 4.56 18.60 -6.74
C GLU A 104 5.47 18.04 -5.66
N THR A 105 5.02 18.05 -4.43
CA THR A 105 5.84 17.52 -3.32
C THR A 105 5.24 16.25 -2.69
N HIS A 106 4.19 15.74 -3.29
CA HIS A 106 3.54 14.51 -2.80
C HIS A 106 4.38 13.28 -3.06
N THR A 107 4.41 12.36 -2.10
CA THR A 107 5.02 11.03 -2.34
C THR A 107 4.51 10.45 -3.68
N TYR A 108 5.38 9.86 -4.49
CA TYR A 108 4.87 9.25 -5.68
C TYR A 108 5.39 7.83 -5.82
N VAL A 109 4.74 7.09 -6.73
CA VAL A 109 5.07 5.69 -7.01
C VAL A 109 5.40 5.63 -8.50
N ASP A 110 6.56 5.09 -8.89
CA ASP A 110 6.92 5.09 -10.29
C ASP A 110 7.23 3.63 -10.64
N VAL A 111 6.68 3.16 -11.75
CA VAL A 111 6.86 1.78 -12.17
C VAL A 111 7.80 1.76 -13.34
N PRO A 112 9.07 1.38 -13.13
CA PRO A 112 9.94 1.35 -14.31
C PRO A 112 9.56 0.20 -15.23
N GLY A 113 9.93 0.26 -16.51
CA GLY A 113 9.58 -0.84 -17.46
C GLY A 113 8.19 -0.76 -18.08
N GLY A 125 5.26 11.63 -16.88
CA GLY A 125 4.44 12.27 -15.86
C GLY A 125 3.10 11.56 -15.78
N HIS A 126 2.51 11.25 -16.95
CA HIS A 126 1.18 10.65 -16.93
C HIS A 126 1.16 9.39 -16.08
N PHE A 127 2.02 8.42 -16.42
CA PHE A 127 1.94 7.14 -15.71
C PHE A 127 2.36 7.22 -14.25
N ARG A 128 3.28 8.13 -13.91
CA ARG A 128 3.59 8.35 -12.52
C ARG A 128 2.33 8.83 -11.76
N GLY A 129 1.54 9.69 -12.39
CA GLY A 129 0.23 10.08 -11.79
C GLY A 129 -0.72 8.94 -11.59
N VAL A 130 -0.76 8.02 -12.55
CA VAL A 130 -1.62 6.84 -12.45
C VAL A 130 -1.18 5.85 -11.38
N SER A 131 0.09 5.46 -11.33
CA SER A 131 0.53 4.52 -10.23
C SER A 131 0.36 5.19 -8.86
N THR A 132 0.59 6.50 -8.77
CA THR A 132 0.50 7.16 -7.49
C THR A 132 -0.96 7.14 -6.98
N ILE A 133 -1.88 7.52 -7.84
CA ILE A 133 -3.27 7.65 -7.33
C ILE A 133 -3.84 6.22 -7.13
N VAL A 134 -3.47 5.29 -8.01
CA VAL A 134 -4.05 3.97 -7.82
C VAL A 134 -3.49 3.30 -6.58
N SER A 135 -2.19 3.44 -6.29
CA SER A 135 -1.66 2.94 -5.00
C SER A 135 -2.44 3.56 -3.84
N LYS A 136 -2.68 4.87 -3.90
CA LYS A 136 -3.31 5.52 -2.76
C LYS A 136 -4.75 4.99 -2.67
N LEU A 137 -5.47 4.88 -3.76
CA LEU A 137 -6.85 4.31 -3.67
C LEU A 137 -6.81 2.86 -3.10
N PHE A 138 -5.79 2.05 -3.45
CA PHE A 138 -5.67 0.68 -2.92
C PHE A 138 -5.44 0.73 -1.39
N ASN A 139 -4.65 1.72 -0.93
CA ASN A 139 -4.34 1.81 0.50
C ASN A 139 -5.61 2.33 1.19
N LEU A 140 -6.42 3.15 0.53
CA LEU A 140 -7.53 3.76 1.24
C LEU A 140 -8.69 2.76 1.30
N VAL A 141 -8.93 2.08 0.18
CA VAL A 141 -10.13 1.19 0.08
C VAL A 141 -9.79 -0.24 0.49
N GLN A 142 -8.50 -0.65 0.35
CA GLN A 142 -8.13 -2.03 0.74
C GLN A 142 -9.00 -3.12 0.11
N PRO A 143 -9.25 -3.06 -1.21
CA PRO A 143 -10.17 -4.00 -1.87
C PRO A 143 -9.50 -5.37 -2.00
N ASP A 144 -10.33 -6.40 -2.13
CA ASP A 144 -9.83 -7.74 -2.55
C ASP A 144 -9.55 -7.79 -4.02
N ILE A 145 -10.26 -6.97 -4.80
CA ILE A 145 -10.20 -7.13 -6.29
C ILE A 145 -10.36 -5.72 -6.83
N ALA A 146 -9.70 -5.40 -7.93
CA ALA A 146 -9.89 -4.08 -8.58
C ALA A 146 -10.00 -4.28 -10.06
N CYS A 147 -10.93 -3.59 -10.70
CA CYS A 147 -11.22 -3.83 -12.14
C CYS A 147 -10.78 -2.65 -12.95
N PHE A 148 -10.10 -2.97 -14.07
CA PHE A 148 -9.59 -1.99 -15.01
C PHE A 148 -9.93 -2.43 -16.44
N GLY A 149 -10.07 -1.46 -17.31
CA GLY A 149 -10.23 -1.72 -18.76
C GLY A 149 -8.94 -2.25 -19.37
N GLU A 150 -9.09 -3.12 -20.34
CA GLU A 150 -7.93 -3.60 -21.11
C GLU A 150 -7.57 -2.60 -22.20
N LYS A 151 -8.50 -1.69 -22.55
CA LYS A 151 -8.29 -0.82 -23.70
C LYS A 151 -7.03 0.05 -23.51
N ASP A 152 -6.89 0.65 -22.33
CA ASP A 152 -5.64 1.36 -21.99
C ASP A 152 -4.65 0.29 -21.52
N PHE A 153 -4.02 -0.38 -22.49
CA PHE A 153 -3.27 -1.58 -22.16
C PHE A 153 -2.03 -1.18 -21.43
N GLN A 154 -1.50 0.01 -21.69
CA GLN A 154 -0.27 0.44 -20.95
C GLN A 154 -0.61 0.64 -19.48
N GLN A 155 -1.78 1.20 -19.23
CA GLN A 155 -2.20 1.42 -17.85
C GLN A 155 -2.43 0.07 -17.17
N LEU A 156 -3.06 -0.88 -17.85
CA LEU A 156 -3.34 -2.15 -17.20
C LEU A 156 -2.00 -2.87 -16.90
N ALA A 157 -1.05 -2.81 -17.84
CA ALA A 157 0.26 -3.41 -17.62
C ALA A 157 1.00 -2.80 -16.43
N LEU A 158 0.91 -1.47 -16.33
CA LEU A 158 1.53 -0.72 -15.26
C LEU A 158 0.95 -1.09 -13.91
N ILE A 159 -0.38 -1.19 -13.83
CA ILE A 159 -0.98 -1.57 -12.54
C ILE A 159 -0.66 -3.02 -12.19
N ARG A 160 -0.71 -3.96 -13.14
CA ARG A 160 -0.34 -5.34 -12.78
C ARG A 160 1.09 -5.43 -12.24
N LYS A 161 2.01 -4.70 -12.88
CA LYS A 161 3.40 -4.68 -12.38
C LYS A 161 3.51 -4.05 -11.02
N MET A 162 2.83 -2.91 -10.84
CA MET A 162 2.85 -2.20 -9.58
C MET A 162 2.40 -3.15 -8.46
N VAL A 163 1.36 -3.91 -8.71
CA VAL A 163 0.82 -4.83 -7.73
C VAL A 163 1.75 -5.96 -7.42
N ALA A 164 2.30 -6.59 -8.46
CA ALA A 164 3.31 -7.62 -8.30
C ALA A 164 4.50 -7.11 -7.50
N ASP A 165 5.02 -5.92 -7.84
CA ASP A 165 6.23 -5.46 -7.24
C ASP A 165 5.95 -5.04 -5.77
N MET A 166 4.85 -4.34 -5.56
CA MET A 166 4.66 -3.66 -4.27
C MET A 166 3.93 -4.52 -3.28
N GLY A 167 3.53 -5.75 -3.61
CA GLY A 167 3.02 -6.61 -2.55
C GLY A 167 1.58 -6.40 -2.16
N PHE A 168 0.82 -5.70 -3.00
CA PHE A 168 -0.63 -5.55 -2.74
C PHE A 168 -1.34 -6.87 -2.86
N ASP A 169 -2.16 -7.20 -1.86
CA ASP A 169 -2.93 -8.46 -1.93
C ASP A 169 -4.26 -8.14 -2.61
N ILE A 170 -4.20 -7.85 -3.91
CA ILE A 170 -5.42 -7.48 -4.67
C ILE A 170 -5.36 -8.19 -5.99
N GLU A 171 -6.49 -8.80 -6.36
CA GLU A 171 -6.64 -9.45 -7.65
C GLU A 171 -6.96 -8.33 -8.66
N ILE A 172 -6.18 -8.24 -9.73
CA ILE A 172 -6.33 -7.17 -10.74
C ILE A 172 -7.04 -7.81 -11.89
N VAL A 173 -8.21 -7.28 -12.23
CA VAL A 173 -9.07 -7.87 -13.24
C VAL A 173 -9.17 -6.96 -14.38
N GLY A 174 -8.68 -7.41 -15.53
CA GLY A 174 -8.80 -6.70 -16.78
C GLY A 174 -10.12 -7.01 -17.45
N VAL A 175 -10.78 -5.99 -17.98
CA VAL A 175 -12.11 -6.20 -18.54
C VAL A 175 -12.09 -5.77 -19.99
N PRO A 176 -12.37 -6.70 -20.89
CA PRO A 176 -12.24 -6.42 -22.31
C PRO A 176 -13.21 -5.40 -22.92
N MET B 1 6.82 -18.94 18.06
CA MET B 1 7.29 -18.00 17.00
C MET B 1 7.47 -18.75 15.70
N LEU B 2 7.02 -18.18 14.59
CA LEU B 2 7.12 -18.83 13.30
C LEU B 2 8.05 -18.02 12.41
N ILE B 3 8.90 -18.69 11.65
CA ILE B 3 9.73 -18.02 10.70
C ILE B 3 9.13 -18.22 9.32
N ILE B 4 8.89 -17.12 8.63
CA ILE B 4 8.23 -17.15 7.32
C ILE B 4 9.22 -16.56 6.33
N GLU B 5 9.49 -17.28 5.25
CA GLU B 5 10.54 -16.84 4.34
C GLU B 5 9.95 -16.46 2.97
N THR B 6 8.79 -16.96 2.65
CA THR B 6 8.24 -16.69 1.29
C THR B 6 6.98 -15.82 1.28
N LEU B 7 6.79 -15.11 0.16
CA LEU B 7 5.57 -14.32 0.02
C LEU B 7 4.28 -15.13 0.13
N PRO B 8 4.25 -16.33 -0.46
CA PRO B 8 2.93 -16.92 -0.47
C PRO B 8 2.62 -17.41 0.96
N LEU B 9 3.65 -17.88 1.67
CA LEU B 9 3.39 -18.33 3.05
C LEU B 9 3.12 -17.14 3.99
N LEU B 10 3.72 -16.00 3.71
CA LEU B 10 3.39 -14.86 4.48
C LEU B 10 1.95 -14.48 4.15
N ARG B 11 1.59 -14.54 2.88
CA ARG B 11 0.23 -14.19 2.46
C ARG B 11 -0.79 -14.99 3.26
N GLN B 12 -0.53 -16.30 3.36
CA GLN B 12 -1.34 -17.21 4.10
C GLN B 12 -1.47 -16.77 5.58
N GLN B 13 -0.35 -16.40 6.19
CA GLN B 13 -0.35 -15.94 7.58
C GLN B 13 -1.14 -14.66 7.78
N ILE B 14 -0.92 -13.67 6.89
CA ILE B 14 -1.57 -12.41 7.04
C ILE B 14 -3.06 -12.47 6.76
N ARG B 15 -3.46 -13.29 5.81
CA ARG B 15 -4.88 -13.45 5.47
C ARG B 15 -5.60 -14.02 6.66
N ARG B 16 -4.94 -14.97 7.32
CA ARG B 16 -5.49 -15.62 8.50
C ARG B 16 -5.63 -14.63 9.66
N LEU B 17 -4.60 -13.79 9.84
CA LEU B 17 -4.68 -12.82 10.92
C LEU B 17 -5.79 -11.80 10.63
N ARG B 18 -5.95 -11.43 9.37
CA ARG B 18 -7.00 -10.50 8.95
C ARG B 18 -8.35 -11.11 9.28
N MET B 19 -8.58 -12.37 8.91
CA MET B 19 -9.93 -12.87 9.13
C MET B 19 -10.15 -13.15 10.58
N GLU B 20 -9.08 -13.33 11.34
CA GLU B 20 -9.24 -13.40 12.79
C GLU B 20 -9.44 -12.04 13.45
N GLY B 21 -9.25 -10.98 12.68
CA GLY B 21 -9.44 -9.57 13.14
C GLY B 21 -8.45 -9.14 14.22
N LYS B 22 -7.30 -9.80 14.34
CA LYS B 22 -6.30 -9.39 15.33
C LYS B 22 -5.68 -8.05 14.96
N ARG B 23 -5.28 -7.31 15.98
CA ARG B 23 -4.50 -6.09 15.81
C ARG B 23 -3.02 -6.48 15.72
N VAL B 24 -2.36 -6.00 14.68
CA VAL B 24 -1.02 -6.49 14.32
C VAL B 24 -0.04 -5.34 14.30
N ALA B 25 1.13 -5.55 14.91
CA ALA B 25 2.19 -4.56 14.83
C ALA B 25 3.32 -5.12 14.08
N LEU B 26 3.94 -4.28 13.30
CA LEU B 26 5.11 -4.66 12.53
C LEU B 26 6.33 -3.84 12.99
N VAL B 27 7.45 -4.55 13.18
CA VAL B 27 8.75 -3.89 13.41
C VAL B 27 9.69 -4.23 12.23
N PRO B 28 9.88 -3.29 11.28
CA PRO B 28 10.83 -3.52 10.20
C PRO B 28 12.26 -3.45 10.69
N THR B 29 13.06 -4.46 10.33
CA THR B 29 14.47 -4.42 10.68
C THR B 29 15.33 -4.98 9.55
N MET B 30 16.66 -4.74 9.64
CA MET B 30 17.61 -5.47 8.79
C MET B 30 18.39 -6.49 9.62
N GLY B 31 17.79 -7.03 10.66
CA GLY B 31 18.50 -7.98 11.50
C GLY B 31 19.64 -7.35 12.31
N ASN B 32 20.53 -8.20 12.76
CA ASN B 32 21.61 -7.82 13.65
C ASN B 32 21.00 -7.02 14.81
N LEU B 33 20.08 -7.65 15.52
CA LEU B 33 19.29 -6.99 16.52
C LEU B 33 19.98 -6.83 17.85
N HIS B 34 19.76 -5.69 18.49
CA HIS B 34 20.35 -5.43 19.80
C HIS B 34 19.40 -4.71 20.64
N ASP B 35 19.86 -4.08 21.71
CA ASP B 35 18.93 -3.57 22.72
C ASP B 35 17.90 -2.63 22.11
N GLY B 36 18.34 -1.78 21.20
CA GLY B 36 17.47 -0.78 20.65
C GLY B 36 16.32 -1.39 19.89
N HIS B 37 16.59 -2.50 19.19
CA HIS B 37 15.52 -3.16 18.47
C HIS B 37 14.59 -3.82 19.46
N MET B 38 15.13 -4.32 20.58
CA MET B 38 14.25 -4.94 21.57
C MET B 38 13.23 -3.95 22.16
N LYS B 39 13.65 -2.68 22.34
CA LYS B 39 12.74 -1.63 22.77
C LYS B 39 11.59 -1.49 21.78
N LEU B 40 11.89 -1.68 20.48
CA LEU B 40 10.88 -1.52 19.41
C LEU B 40 9.93 -2.69 19.58
N VAL B 41 10.50 -3.87 19.80
CA VAL B 41 9.67 -5.06 19.90
C VAL B 41 8.77 -4.96 21.14
N ASP B 42 9.34 -4.52 22.28
CA ASP B 42 8.56 -4.37 23.49
C ASP B 42 7.38 -3.44 23.27
N GLU B 43 7.62 -2.32 22.60
CA GLU B 43 6.54 -1.39 22.34
C GLU B 43 5.45 -2.03 21.47
N ALA B 44 5.88 -2.77 20.42
CA ALA B 44 4.96 -3.41 19.52
C ALA B 44 4.08 -4.42 20.31
N LYS B 45 4.72 -5.16 21.23
CA LYS B 45 4.00 -6.14 22.03
C LYS B 45 2.98 -5.46 22.89
N ALA B 46 3.29 -4.27 23.39
CA ALA B 46 2.39 -3.61 24.29
C ALA B 46 1.20 -2.96 23.57
N ARG B 47 1.33 -2.80 22.28
CA ARG B 47 0.39 -2.03 21.48
C ARG B 47 -0.47 -2.86 20.53
N ALA B 48 -0.27 -4.17 20.48
CA ALA B 48 -0.97 -4.99 19.51
C ALA B 48 -1.08 -6.40 20.07
N ASP B 49 -2.02 -7.19 19.57
CA ASP B 49 -2.18 -8.61 19.89
C ASP B 49 -1.08 -9.47 19.33
N VAL B 50 -0.74 -9.22 18.06
CA VAL B 50 0.17 -10.02 17.31
C VAL B 50 1.34 -9.14 16.85
N VAL B 51 2.59 -9.61 17.02
CA VAL B 51 3.75 -8.81 16.55
C VAL B 51 4.52 -9.58 15.49
N ALA B 52 4.78 -8.92 14.34
CA ALA B 52 5.59 -9.46 13.26
C ALA B 52 6.84 -8.64 13.18
N VAL B 53 7.98 -9.29 13.03
CA VAL B 53 9.23 -8.58 12.83
C VAL B 53 9.80 -8.98 11.50
N SER B 54 10.18 -8.02 10.67
CA SER B 54 10.84 -8.40 9.41
C SER B 54 12.32 -8.27 9.58
N ILE B 55 13.07 -9.17 8.93
CA ILE B 55 14.53 -9.09 8.93
C ILE B 55 14.90 -9.18 7.44
N PHE B 56 15.40 -8.07 6.89
CA PHE B 56 15.70 -8.03 5.46
C PHE B 56 16.68 -6.94 5.23
N VAL B 57 17.89 -7.34 4.86
CA VAL B 57 18.92 -6.40 4.48
C VAL B 57 18.64 -5.93 3.04
N ASN B 58 18.05 -4.73 2.91
CA ASN B 58 17.45 -4.29 1.68
C ASN B 58 18.47 -3.69 0.73
N PRO B 59 18.74 -4.38 -0.39
CA PRO B 59 19.83 -3.90 -1.20
C PRO B 59 19.52 -2.53 -1.75
N MET B 60 18.24 -2.21 -1.95
CA MET B 60 17.93 -0.96 -2.65
C MET B 60 18.37 0.28 -1.86
N GLN B 61 18.59 0.14 -0.56
CA GLN B 61 18.91 1.31 0.23
C GLN B 61 20.44 1.40 0.48
N PHE B 62 21.22 0.54 -0.15
CA PHE B 62 22.68 0.64 -0.03
C PHE B 62 23.28 1.08 -1.37
N ASP B 63 24.07 2.11 -1.37
CA ASP B 63 24.73 2.58 -2.54
C ASP B 63 25.94 1.73 -3.02
N ARG B 64 26.68 1.15 -2.10
CA ARG B 64 27.88 0.45 -2.46
C ARG B 64 27.73 -1.01 -2.17
N PRO B 65 28.02 -1.85 -3.16
CA PRO B 65 27.92 -3.27 -2.82
C PRO B 65 28.78 -3.65 -1.61
N GLU B 66 29.95 -3.03 -1.42
CA GLU B 66 30.77 -3.29 -0.22
C GLU B 66 30.03 -3.04 1.12
N ASP B 67 29.20 -2.01 1.20
CA ASP B 67 28.43 -1.73 2.43
C ASP B 67 27.31 -2.76 2.66
N LEU B 68 26.71 -3.22 1.57
CA LEU B 68 25.63 -4.24 1.65
C LEU B 68 26.24 -5.53 2.08
N ALA B 69 27.42 -5.82 1.57
CA ALA B 69 28.03 -7.13 1.84
C ALA B 69 28.61 -7.22 3.25
N ARG B 70 29.02 -6.08 3.81
CA ARG B 70 29.58 -6.04 5.15
C ARG B 70 28.50 -6.08 6.23
N TYR B 71 27.23 -5.86 5.88
CA TYR B 71 26.20 -5.67 6.92
C TYR B 71 26.05 -6.98 7.68
N PRO B 72 26.07 -6.92 9.04
CA PRO B 72 26.18 -8.19 9.73
C PRO B 72 24.90 -9.02 9.57
N ARG B 73 25.08 -10.33 9.42
CA ARG B 73 23.96 -11.24 9.39
C ARG B 73 24.06 -12.16 10.60
N THR B 74 23.11 -12.04 11.51
CA THR B 74 23.06 -12.87 12.70
C THR B 74 21.65 -13.36 12.90
N LEU B 75 21.18 -14.23 12.02
CA LEU B 75 19.83 -14.69 12.10
C LEU B 75 19.57 -15.53 13.33
N GLN B 76 20.49 -16.42 13.67
CA GLN B 76 20.23 -17.27 14.83
C GLN B 76 20.08 -16.40 16.06
N GLU B 77 21.02 -15.52 16.27
CA GLU B 77 20.90 -14.71 17.47
C GLU B 77 19.71 -13.74 17.44
N ASP B 78 19.41 -13.19 16.26
CA ASP B 78 18.17 -12.41 16.09
C ASP B 78 16.97 -13.28 16.51
N CYS B 79 16.85 -14.51 16.02
CA CYS B 79 15.66 -15.27 16.39
C CYS B 79 15.64 -15.61 17.89
N GLU B 80 16.79 -15.77 18.48
CA GLU B 80 16.85 -16.07 19.89
C GLU B 80 16.21 -14.94 20.69
N LYS B 81 16.58 -13.71 20.36
CA LYS B 81 16.11 -12.51 21.07
C LYS B 81 14.63 -12.34 20.83
N LEU B 82 14.18 -12.53 19.60
CA LEU B 82 12.75 -12.34 19.31
C LEU B 82 11.92 -13.44 19.98
N ASN B 83 12.47 -14.66 20.01
CA ASN B 83 11.73 -15.76 20.61
C ASN B 83 11.54 -15.53 22.10
N LYS B 84 12.55 -15.02 22.74
CA LYS B 84 12.50 -14.71 24.15
C LYS B 84 11.43 -13.67 24.42
N ARG B 85 11.28 -12.77 23.48
CA ARG B 85 10.29 -11.68 23.56
C ARG B 85 8.91 -12.18 23.09
N LYS B 86 8.82 -13.46 22.76
CA LYS B 86 7.55 -13.99 22.33
C LYS B 86 6.99 -13.29 21.12
N VAL B 87 7.85 -12.92 20.19
CA VAL B 87 7.41 -12.43 18.88
C VAL B 87 6.58 -13.49 18.15
N ASP B 88 5.50 -13.10 17.42
CA ASP B 88 4.67 -14.14 16.77
C ASP B 88 5.17 -14.60 15.43
N LEU B 89 5.72 -13.66 14.67
CA LEU B 89 6.11 -13.98 13.31
C LEU B 89 7.37 -13.25 12.97
N VAL B 90 8.30 -13.95 12.31
CA VAL B 90 9.47 -13.27 11.83
C VAL B 90 9.50 -13.48 10.33
N PHE B 91 9.44 -12.42 9.57
CA PHE B 91 9.44 -12.55 8.12
C PHE B 91 10.89 -12.30 7.67
N ALA B 92 11.58 -13.32 7.13
CA ALA B 92 13.02 -13.23 6.77
C ALA B 92 13.26 -13.69 5.34
N PRO B 93 12.92 -12.84 4.36
CA PRO B 93 12.96 -13.27 2.97
C PRO B 93 14.34 -13.10 2.39
N SER B 94 14.61 -13.84 1.30
CA SER B 94 15.82 -13.68 0.55
C SER B 94 15.66 -12.46 -0.37
N VAL B 95 16.77 -11.99 -0.91
CA VAL B 95 16.71 -10.90 -1.86
C VAL B 95 15.91 -11.30 -3.13
N LYS B 96 16.09 -12.54 -3.62
CA LYS B 96 15.39 -13.00 -4.82
C LYS B 96 13.92 -13.04 -4.52
N GLU B 97 13.57 -13.36 -3.27
CA GLU B 97 12.19 -13.40 -2.93
C GLU B 97 11.49 -12.01 -2.97
N ILE B 98 12.19 -11.00 -2.50
CA ILE B 98 11.64 -9.60 -2.48
C ILE B 98 11.78 -8.93 -3.86
N TYR B 99 12.87 -9.25 -4.55
CA TYR B 99 13.17 -8.62 -5.79
C TYR B 99 13.44 -9.66 -6.89
N PRO B 100 12.42 -10.41 -7.25
CA PRO B 100 12.68 -11.51 -8.17
C PRO B 100 13.12 -11.03 -9.55
N ASN B 101 12.78 -9.80 -9.89
CA ASN B 101 13.19 -9.29 -11.18
C ASN B 101 14.30 -8.27 -11.03
N GLY B 102 14.88 -8.19 -9.82
CA GLY B 102 16.05 -7.30 -9.59
C GLY B 102 15.59 -5.95 -9.05
N THR B 103 16.47 -5.23 -8.36
CA THR B 103 16.03 -3.95 -7.82
C THR B 103 15.91 -2.89 -8.90
N GLU B 104 16.70 -3.01 -9.94
CA GLU B 104 16.87 -1.93 -10.88
C GLU B 104 15.60 -1.47 -11.55
N THR B 105 14.68 -2.38 -11.81
CA THR B 105 13.47 -1.99 -12.54
C THR B 105 12.27 -2.26 -11.63
N HIS B 106 12.50 -2.52 -10.34
CA HIS B 106 11.37 -2.67 -9.42
C HIS B 106 10.63 -1.32 -9.21
N THR B 107 9.30 -1.40 -9.08
CA THR B 107 8.53 -0.21 -8.64
C THR B 107 9.16 0.45 -7.44
N TYR B 108 9.19 1.80 -7.41
CA TYR B 108 9.74 2.42 -6.26
C TYR B 108 8.85 3.56 -5.76
N VAL B 109 9.08 3.90 -4.51
CA VAL B 109 8.33 4.95 -3.84
C VAL B 109 9.30 6.03 -3.45
N ASP B 110 8.97 7.26 -3.79
CA ASP B 110 9.92 8.35 -3.49
C ASP B 110 9.15 9.45 -2.77
N VAL B 111 9.72 9.96 -1.71
CA VAL B 111 8.97 10.89 -0.83
C VAL B 111 9.68 12.26 -0.99
N PRO B 112 9.06 13.21 -1.70
CA PRO B 112 9.58 14.60 -1.73
C PRO B 112 9.08 15.41 -0.53
N GLY B 113 9.49 16.68 -0.50
CA GLY B 113 8.94 17.66 0.44
C GLY B 113 9.56 17.45 1.82
N ARG B 123 23.69 9.00 0.92
CA ARG B 123 23.88 8.37 -0.40
C ARG B 123 22.65 8.55 -1.25
N PRO B 124 22.82 9.12 -2.46
CA PRO B 124 21.66 9.13 -3.33
C PRO B 124 21.03 7.77 -3.35
N GLY B 125 19.72 7.73 -3.31
CA GLY B 125 19.12 6.42 -3.40
C GLY B 125 18.76 5.80 -2.07
N HIS B 126 19.42 6.19 -0.99
CA HIS B 126 19.21 5.44 0.26
C HIS B 126 17.77 5.62 0.68
N PHE B 127 17.28 6.85 0.73
CA PHE B 127 15.88 6.99 1.18
C PHE B 127 14.81 6.43 0.29
N ARG B 128 15.01 6.54 -1.02
CA ARG B 128 14.13 5.84 -1.98
C ARG B 128 14.08 4.35 -1.69
N GLY B 129 15.23 3.76 -1.36
CA GLY B 129 15.27 2.30 -1.09
C GLY B 129 14.45 2.02 0.20
N VAL B 130 14.49 2.96 1.14
CA VAL B 130 13.77 2.81 2.38
C VAL B 130 12.27 2.91 2.20
N SER B 131 11.81 3.98 1.57
CA SER B 131 10.38 4.20 1.34
C SER B 131 9.84 3.01 0.55
N THR B 132 10.58 2.55 -0.43
CA THR B 132 10.13 1.42 -1.30
C THR B 132 9.94 0.16 -0.49
N ILE B 133 10.95 -0.22 0.32
CA ILE B 133 10.83 -1.46 1.04
C ILE B 133 9.79 -1.35 2.14
N VAL B 134 9.69 -0.21 2.80
CA VAL B 134 8.76 -0.12 3.90
C VAL B 134 7.34 -0.12 3.28
N SER B 135 7.12 0.61 2.17
CA SER B 135 5.79 0.48 1.47
C SER B 135 5.46 -0.96 1.18
N LYS B 136 6.42 -1.69 0.61
CA LYS B 136 6.14 -3.07 0.23
C LYS B 136 5.84 -3.89 1.49
N LEU B 137 6.66 -3.74 2.54
CA LEU B 137 6.38 -4.45 3.80
C LEU B 137 4.96 -4.13 4.36
N PHE B 138 4.57 -2.87 4.28
CA PHE B 138 3.27 -2.45 4.71
C PHE B 138 2.15 -3.10 3.88
N ASN B 139 2.33 -3.25 2.53
CA ASN B 139 1.33 -3.95 1.69
C ASN B 139 1.28 -5.44 1.99
N LEU B 140 2.44 -6.01 2.24
CA LEU B 140 2.58 -7.48 2.50
C LEU B 140 1.99 -7.88 3.84
N VAL B 141 2.27 -7.07 4.85
CA VAL B 141 1.93 -7.39 6.23
C VAL B 141 0.59 -6.73 6.68
N GLN B 142 0.26 -5.61 6.08
CA GLN B 142 -0.99 -4.85 6.43
C GLN B 142 -1.12 -4.69 7.91
N PRO B 143 -0.07 -4.17 8.60
CA PRO B 143 -0.17 -4.07 10.07
C PRO B 143 -1.10 -2.93 10.44
N ASP B 144 -1.61 -2.95 11.69
CA ASP B 144 -2.32 -1.77 12.22
C ASP B 144 -1.36 -0.71 12.72
N ILE B 145 -0.18 -1.12 13.15
CA ILE B 145 0.80 -0.18 13.69
C ILE B 145 2.23 -0.66 13.40
N ALA B 146 3.15 0.26 13.28
CA ALA B 146 4.49 -0.13 12.90
C ALA B 146 5.44 0.73 13.73
N CYS B 147 6.48 0.13 14.29
CA CYS B 147 7.37 0.84 15.18
C CYS B 147 8.72 1.14 14.52
N PHE B 148 9.22 2.33 14.75
CA PHE B 148 10.53 2.74 14.19
C PHE B 148 11.30 3.51 15.25
N GLY B 149 12.61 3.53 15.14
CA GLY B 149 13.42 4.26 16.10
C GLY B 149 13.40 5.73 15.80
N GLU B 150 13.55 6.50 16.86
CA GLU B 150 13.68 7.93 16.80
C GLU B 150 15.09 8.37 16.40
N LYS B 151 16.12 7.54 16.66
CA LYS B 151 17.47 7.98 16.33
C LYS B 151 17.70 8.23 14.88
N ASP B 152 17.17 7.38 14.03
CA ASP B 152 17.26 7.73 12.60
C ASP B 152 16.08 8.63 12.30
N PHE B 153 16.24 9.87 12.69
CA PHE B 153 15.13 10.81 12.64
C PHE B 153 14.68 11.14 11.20
N GLN B 154 15.60 11.17 10.25
CA GLN B 154 15.21 11.39 8.87
C GLN B 154 14.38 10.25 8.36
N GLN B 155 14.75 9.02 8.72
CA GLN B 155 13.93 7.86 8.28
C GLN B 155 12.53 7.96 8.88
N LEU B 156 12.45 8.26 10.15
CA LEU B 156 11.12 8.30 10.85
C LEU B 156 10.26 9.39 10.17
N ALA B 157 10.83 10.57 9.94
CA ALA B 157 10.11 11.64 9.20
C ALA B 157 9.67 11.21 7.82
N LEU B 158 10.55 10.49 7.12
CA LEU B 158 10.24 9.99 5.78
C LEU B 158 9.01 9.08 5.80
N ILE B 159 8.98 8.16 6.78
CA ILE B 159 7.93 7.14 6.83
C ILE B 159 6.64 7.85 7.28
N ARG B 160 6.76 8.79 8.21
CA ARG B 160 5.62 9.58 8.65
C ARG B 160 4.92 10.28 7.49
N LYS B 161 5.72 10.88 6.60
CA LYS B 161 5.17 11.62 5.45
C LYS B 161 4.62 10.66 4.41
N MET B 162 5.33 9.57 4.22
CA MET B 162 4.90 8.57 3.25
C MET B 162 3.54 8.04 3.63
N VAL B 163 3.32 7.77 4.89
CA VAL B 163 2.05 7.20 5.35
C VAL B 163 0.93 8.22 5.22
N ALA B 164 1.19 9.46 5.63
CA ALA B 164 0.22 10.45 5.51
C ALA B 164 -0.12 10.68 4.01
N ASP B 165 0.89 10.73 3.16
CA ASP B 165 0.66 11.07 1.73
C ASP B 165 -0.07 9.89 1.05
N MET B 166 0.34 8.67 1.37
CA MET B 166 -0.11 7.50 0.54
C MET B 166 -1.39 6.87 1.02
N GLY B 167 -1.90 7.33 2.14
CA GLY B 167 -3.16 6.81 2.63
C GLY B 167 -3.12 5.49 3.35
N PHE B 168 -1.94 5.09 3.83
CA PHE B 168 -1.87 3.89 4.69
C PHE B 168 -2.60 4.12 6.00
N ASP B 169 -3.48 3.20 6.31
CA ASP B 169 -4.24 3.11 7.65
C ASP B 169 -3.34 2.41 8.67
N ILE B 170 -2.19 3.02 8.95
CA ILE B 170 -1.18 2.43 9.84
C ILE B 170 -0.73 3.51 10.80
N GLU B 171 -0.73 3.19 12.08
CA GLU B 171 -0.26 4.07 13.08
C GLU B 171 1.24 3.93 13.21
N ILE B 172 1.99 5.04 13.08
CA ILE B 172 3.44 4.97 13.11
C ILE B 172 3.80 5.36 14.55
N VAL B 173 4.64 4.55 15.19
CA VAL B 173 5.07 4.80 16.57
C VAL B 173 6.57 4.98 16.54
N GLY B 174 7.05 6.15 16.96
CA GLY B 174 8.48 6.33 17.08
C GLY B 174 8.82 5.97 18.54
N VAL B 175 9.89 5.22 18.68
CA VAL B 175 10.38 4.80 19.99
C VAL B 175 11.85 5.22 20.21
N PRO B 176 12.15 5.73 21.39
CA PRO B 176 13.58 6.03 21.68
C PRO B 176 14.46 4.80 21.42
O1 PAF C . -9.54 6.85 -15.90
C1 PAF C . -8.55 6.13 -15.69
O2 PAF C . -8.21 5.11 -16.33
C2 PAF C . -7.58 6.62 -14.61
O3 PAF C . -6.24 6.56 -15.13
C3 PAF C . -7.69 5.89 -13.26
C4 PAF C . -9.15 6.02 -12.72
C5 PAF C . -7.27 4.37 -13.40
C6 PAF C . -6.68 6.51 -12.26
O4 PAF C . -6.84 7.96 -12.11
O1 PAF D . -13.83 1.85 -23.36
C1 PAF D . -13.30 1.02 -22.59
O2 PAF D . -13.40 -0.20 -22.69
C2 PAF D . -12.49 1.54 -21.39
O3 PAF D . -11.66 0.43 -21.01
C3 PAF D . -13.45 1.86 -20.21
C4 PAF D . -14.44 2.93 -20.61
C5 PAF D . -14.19 0.56 -19.78
C6 PAF D . -12.57 2.36 -19.03
O4 PAF D . -11.71 3.43 -19.45
O1 PAF E . 16.22 1.20 9.72
C1 PAF E . 16.16 0.06 9.20
O2 PAF E . 16.46 -0.98 9.81
C2 PAF E . 15.82 -0.05 7.74
O3 PAF E . 16.07 1.17 7.08
C3 PAF E . 14.33 -0.44 7.53
C4 PAF E . 14.03 -1.86 8.14
C5 PAF E . 13.42 0.58 8.21
C6 PAF E . 14.01 -0.53 6.02
O4 PAF E . 14.86 -1.56 5.34
#